data_1W03
#
_entry.id   1W03
#
_cell.length_a   46.770
_cell.length_b   71.200
_cell.length_c   100.970
_cell.angle_alpha   90.00
_cell.angle_beta   90.00
_cell.angle_gamma   90.00
#
_symmetry.space_group_name_H-M   'P 21 21 21'
#
loop_
_entity.id
_entity.type
_entity.pdbx_description
1 polymer 'ISOPENICILLIN N SYNTHETASE'
2 non-polymer DELTA-(L-ALPHA-AMINOADIPOYL)-L-CYSTEINYL-GLYCINE
3 non-polymer 'FE (II) ION'
4 non-polymer 'SULFATE ION'
5 water water
#
_entity_poly.entity_id   1
_entity_poly.type   'polypeptide(L)'
_entity_poly.pdbx_seq_one_letter_code
;MGSVSKANVPKIDVSPLFGDDQAAKMRVAQQIDAASRDTGFFYAVNHGINVQRLSQKTKEFHMSITPEEKWDLAIRAYNK
EHQDQVRAGYYLSIPGKKAVESFCYLNPNFTPDHPRIQAKTPTHEVNVWPDETKHPGFQDFAEQYYWDVFGLSSALLKGY
ALALGKEENFFARHFKPDDTLASVVLIRYPYLDPYPEAAIKTAADGTKLSFEWHEDVSLITVLYQSNVQNLQVETAAGYQ
DIEADDTGYLINCGSYMAHLTNNYYKAPIHRVKWVNAERQSLPFFVNLGYDSVIDPFDPREPNGKSDREPLSYGDYLQNG
LVSLINKNGQT
;
_entity_poly.pdbx_strand_id   A
#
loop_
_chem_comp.id
_chem_comp.type
_chem_comp.name
_chem_comp.formula
FE2 non-polymer 'FE (II) ION' 'Fe 2'
HCG non-polymer DELTA-(L-ALPHA-AMINOADIPOYL)-L-CYSTEINYL-GLYCINE 'C11 H19 N3 O6 S'
SO4 non-polymer 'SULFATE ION' 'O4 S -2'
#
# COMPACT_ATOMS: atom_id res chain seq x y z
N SER A 3 21.56 -17.30 -7.69
CA SER A 3 21.03 -17.31 -9.24
C SER A 3 19.81 -16.39 -9.53
N VAL A 4 19.30 -15.49 -8.55
CA VAL A 4 18.25 -14.53 -9.02
C VAL A 4 18.98 -13.27 -8.89
N SER A 5 18.93 -12.46 -9.92
CA SER A 5 19.67 -11.21 -9.77
C SER A 5 18.90 -10.16 -8.98
N LYS A 6 19.68 -9.27 -8.38
CA LYS A 6 19.18 -8.16 -7.61
C LYS A 6 18.56 -7.02 -8.45
N ALA A 7 17.42 -6.49 -7.99
CA ALA A 7 16.71 -5.48 -8.74
C ALA A 7 17.30 -4.15 -8.42
N ASN A 8 17.20 -3.27 -9.40
CA ASN A 8 17.61 -1.91 -9.25
C ASN A 8 16.62 -1.17 -8.46
N VAL A 9 16.92 -0.95 -7.19
CA VAL A 9 16.06 -0.14 -6.35
C VAL A 9 16.80 1.03 -5.73
N PRO A 10 16.88 2.15 -6.41
CA PRO A 10 17.62 3.31 -5.89
C PRO A 10 17.07 3.83 -4.55
N LYS A 11 17.94 4.39 -3.69
CA LYS A 11 17.56 5.08 -2.47
C LYS A 11 17.53 6.57 -2.77
N ILE A 12 16.34 7.19 -2.71
CA ILE A 12 16.14 8.61 -3.00
C ILE A 12 15.86 9.38 -1.74
N ASP A 13 16.68 10.38 -1.46
CA ASP A 13 16.42 11.29 -0.37
C ASP A 13 15.25 12.21 -0.76
N VAL A 14 14.09 11.97 -0.13
CA VAL A 14 12.86 12.67 -0.50
C VAL A 14 12.70 13.93 0.34
N SER A 15 13.66 14.21 1.20
CA SER A 15 13.68 15.42 2.03
C SER A 15 13.27 16.74 1.41
N PRO A 16 13.85 17.08 0.26
CA PRO A 16 13.48 18.31 -0.42
C PRO A 16 12.01 18.42 -0.71
N LEU A 17 11.27 17.30 -0.81
CA LEU A 17 9.85 17.36 -1.13
C LEU A 17 9.02 17.96 0.00
N PHE A 18 9.58 18.05 1.20
CA PHE A 18 8.90 18.71 2.32
C PHE A 18 9.10 20.21 2.40
N GLY A 19 10.07 20.73 1.63
CA GLY A 19 10.47 22.13 1.73
C GLY A 19 10.08 22.94 0.49
N ASP A 20 10.71 24.10 0.37
CA ASP A 20 10.40 25.08 -0.67
C ASP A 20 11.55 25.37 -1.61
N ASP A 21 12.54 24.49 -1.70
CA ASP A 21 13.59 24.67 -2.67
C ASP A 21 13.17 24.02 -3.97
N GLN A 22 12.52 24.81 -4.82
CA GLN A 22 11.93 24.27 -6.05
C GLN A 22 12.92 23.51 -6.96
N ALA A 23 14.12 24.03 -7.08
CA ALA A 23 15.21 23.36 -7.84
C ALA A 23 15.59 21.99 -7.26
N ALA A 24 15.77 21.94 -5.96
CA ALA A 24 16.06 20.69 -5.31
C ALA A 24 14.90 19.69 -5.52
N LYS A 25 13.65 20.17 -5.48
CA LYS A 25 12.50 19.32 -5.71
C LYS A 25 12.51 18.74 -7.11
N MET A 26 12.98 19.51 -8.09
CA MET A 26 13.06 19.00 -9.48
C MET A 26 14.12 17.88 -9.66
N ARG A 27 15.22 18.02 -8.97
CA ARG A 27 16.23 17.00 -8.90
C ARG A 27 15.71 15.72 -8.24
N VAL A 28 14.88 15.83 -7.20
CA VAL A 28 14.25 14.63 -6.62
C VAL A 28 13.26 14.01 -7.62
N ALA A 29 12.49 14.87 -8.30
CA ALA A 29 11.52 14.41 -9.28
C ALA A 29 12.17 13.63 -10.43
N GLN A 30 13.37 14.05 -10.86
CA GLN A 30 14.05 13.37 -11.91
C GLN A 30 14.36 11.94 -11.45
N GLN A 31 14.80 11.78 -10.19
CA GLN A 31 15.10 10.47 -9.63
C GLN A 31 13.85 9.56 -9.59
N ILE A 32 12.70 10.17 -9.26
CA ILE A 32 11.44 9.45 -9.21
C ILE A 32 11.14 9.03 -10.65
N ASP A 33 11.41 9.92 -11.59
CA ASP A 33 11.11 9.65 -13.00
C ASP A 33 11.96 8.48 -13.49
N ALA A 34 13.24 8.47 -13.11
CA ALA A 34 14.13 7.40 -13.54
C ALA A 34 13.72 6.04 -12.95
N ALA A 35 13.42 6.05 -11.66
CA ALA A 35 13.05 4.84 -10.96
C ALA A 35 11.73 4.33 -11.53
N SER A 36 10.79 5.22 -11.82
CA SER A 36 9.50 4.81 -12.34
C SER A 36 9.56 4.22 -13.78
N ARG A 37 10.54 4.66 -14.58
CA ARG A 37 10.67 4.17 -15.95
C ARG A 37 11.55 2.90 -16.02
N ASP A 38 12.30 2.63 -14.96
CA ASP A 38 13.15 1.46 -14.90
C ASP A 38 12.37 0.34 -14.21
N THR A 39 12.79 -0.14 -13.04
CA THR A 39 12.09 -1.29 -12.44
C THR A 39 10.77 -0.90 -11.80
N GLY A 40 10.64 0.37 -11.47
CA GLY A 40 9.40 0.86 -10.93
C GLY A 40 9.34 0.80 -9.42
N PHE A 41 10.49 0.60 -8.76
CA PHE A 41 10.57 0.66 -7.32
C PHE A 41 11.71 1.58 -6.92
N PHE A 42 11.56 2.28 -5.79
CA PHE A 42 12.69 2.97 -5.15
C PHE A 42 12.47 2.99 -3.64
N TYR A 43 13.51 3.24 -2.85
CA TYR A 43 13.35 3.50 -1.45
C TYR A 43 13.41 4.99 -1.18
N ALA A 44 12.41 5.46 -0.46
CA ALA A 44 12.36 6.82 0.04
C ALA A 44 13.14 6.82 1.35
N VAL A 45 14.21 7.59 1.38
CA VAL A 45 15.04 7.76 2.58
C VAL A 45 14.92 9.21 3.06
N ASN A 46 15.27 9.48 4.32
CA ASN A 46 15.13 10.78 4.95
C ASN A 46 13.67 11.26 4.84
N HIS A 47 12.74 10.34 5.11
CA HIS A 47 11.28 10.54 5.04
C HIS A 47 10.70 11.06 6.35
N GLY A 48 11.48 11.04 7.43
CA GLY A 48 11.06 11.67 8.67
C GLY A 48 10.16 10.88 9.61
N ILE A 49 9.73 9.68 9.21
CA ILE A 49 8.86 8.86 10.04
C ILE A 49 9.67 7.89 10.90
N ASN A 50 9.28 7.77 12.17
CA ASN A 50 9.93 6.86 13.09
C ASN A 50 9.51 5.45 12.76
N VAL A 51 10.19 4.76 11.85
CA VAL A 51 9.71 3.43 11.51
C VAL A 51 10.02 2.38 12.61
N GLN A 52 11.05 2.59 13.41
CA GLN A 52 11.34 1.64 14.46
C GLN A 52 10.17 1.62 15.45
N ARG A 53 9.68 2.79 15.86
CA ARG A 53 8.52 2.88 16.73
C ARG A 53 7.29 2.21 16.13
N LEU A 54 7.03 2.52 14.87
CA LEU A 54 6.01 1.84 14.09
C LEU A 54 6.06 0.31 14.17
N SER A 55 7.23 -0.33 13.96
CA SER A 55 7.25 -1.80 13.98
C SER A 55 7.12 -2.25 15.39
N GLN A 56 7.57 -1.46 16.37
CA GLN A 56 7.44 -1.88 17.76
C GLN A 56 5.97 -1.87 18.25
N LYS A 57 5.24 -0.82 17.91
CA LYS A 57 3.87 -0.70 18.31
C LYS A 57 3.06 -1.77 17.61
N THR A 58 3.42 -2.04 16.36
CA THR A 58 2.71 -3.01 15.56
C THR A 58 2.95 -4.42 16.09
N LYS A 59 4.19 -4.77 16.38
CA LYS A 59 4.50 -6.04 17.02
C LYS A 59 3.75 -6.20 18.35
N GLU A 60 3.65 -5.14 19.15
CA GLU A 60 2.94 -5.26 20.42
C GLU A 60 1.48 -5.66 20.22
N PHE A 61 0.87 -5.11 19.19
CA PHE A 61 -0.51 -5.39 18.84
C PHE A 61 -0.63 -6.80 18.33
N HIS A 62 0.15 -7.17 17.32
CA HIS A 62 -0.05 -8.45 16.65
C HIS A 62 0.14 -9.59 17.68
N MET A 63 1.07 -9.40 18.59
CA MET A 63 1.46 -10.42 19.50
C MET A 63 0.58 -10.49 20.74
N SER A 64 -0.26 -9.48 21.00
CA SER A 64 -1.13 -9.53 22.16
C SER A 64 -2.62 -9.71 21.83
N ILE A 65 -3.03 -9.48 20.59
CA ILE A 65 -4.41 -9.70 20.25
C ILE A 65 -4.79 -11.21 20.39
N THR A 66 -5.96 -11.51 20.91
CA THR A 66 -6.37 -12.89 21.13
C THR A 66 -7.36 -13.36 20.03
N PRO A 67 -7.56 -14.66 19.93
CA PRO A 67 -8.54 -15.20 18.99
C PRO A 67 -9.93 -14.61 19.18
N GLU A 68 -10.34 -14.43 20.42
CA GLU A 68 -11.59 -13.79 20.73
C GLU A 68 -11.71 -12.43 20.06
N GLU A 69 -10.69 -11.59 20.28
CA GLU A 69 -10.68 -10.21 19.77
C GLU A 69 -10.76 -10.18 18.25
N LYS A 70 -10.03 -11.07 17.62
CA LYS A 70 -10.02 -11.21 16.17
C LYS A 70 -11.40 -11.52 15.59
N TRP A 71 -12.16 -12.45 16.17
CA TRP A 71 -13.55 -12.65 15.70
C TRP A 71 -14.35 -11.35 15.89
N ASP A 72 -14.17 -10.69 17.04
CA ASP A 72 -14.97 -9.50 17.36
C ASP A 72 -14.64 -8.31 16.41
N LEU A 73 -13.46 -8.34 15.80
CA LEU A 73 -13.02 -7.28 14.93
C LEU A 73 -13.05 -7.71 13.47
N ALA A 74 -13.46 -8.93 13.21
CA ALA A 74 -13.22 -9.59 11.92
C ALA A 74 -14.03 -8.98 10.76
N ILE A 75 -13.42 -8.91 9.59
CA ILE A 75 -14.17 -8.46 8.42
C ILE A 75 -15.20 -9.52 8.08
N ARG A 76 -16.08 -9.13 7.18
CA ARG A 76 -17.26 -9.88 6.82
C ARG A 76 -16.87 -11.21 6.16
N ALA A 77 -15.75 -11.23 5.45
CA ALA A 77 -15.26 -12.48 4.88
C ALA A 77 -15.00 -13.57 5.94
N TYR A 78 -14.74 -13.21 7.19
CA TYR A 78 -14.56 -14.19 8.25
C TYR A 78 -15.72 -14.25 9.20
N ASN A 79 -16.55 -13.21 9.19
CA ASN A 79 -17.62 -13.12 10.16
C ASN A 79 -18.81 -12.45 9.57
N LYS A 80 -19.76 -13.29 9.19
CA LYS A 80 -21.03 -12.87 8.60
C LYS A 80 -21.87 -11.87 9.38
N GLU A 81 -21.59 -11.70 10.67
CA GLU A 81 -22.33 -10.72 11.46
C GLU A 81 -21.84 -9.32 11.11
N HIS A 82 -20.68 -9.19 10.49
CA HIS A 82 -20.13 -7.83 10.29
C HIS A 82 -20.28 -7.38 8.82
N GLN A 83 -21.54 -7.29 8.35
CA GLN A 83 -21.87 -6.94 6.96
C GLN A 83 -21.28 -5.61 6.45
N ASP A 84 -21.07 -4.63 7.34
CA ASP A 84 -20.46 -3.37 6.93
C ASP A 84 -18.95 -3.44 6.84
N GLN A 85 -18.33 -4.51 7.32
CA GLN A 85 -16.86 -4.53 7.33
C GLN A 85 -16.34 -5.29 6.12
N VAL A 86 -16.25 -4.57 5.00
CA VAL A 86 -15.72 -5.11 3.79
C VAL A 86 -14.20 -4.94 3.77
N ARG A 87 -13.73 -3.82 4.28
CA ARG A 87 -12.31 -3.46 4.21
C ARG A 87 -11.63 -3.41 5.55
N ALA A 88 -12.25 -2.71 6.50
CA ALA A 88 -11.62 -2.43 7.77
C ALA A 88 -11.91 -3.48 8.78
N GLY A 89 -10.87 -3.86 9.56
CA GLY A 89 -10.97 -4.85 10.61
C GLY A 89 -9.96 -5.98 10.43
N TYR A 90 -10.28 -7.12 11.02
CA TYR A 90 -9.26 -8.16 11.18
C TYR A 90 -9.44 -9.22 10.08
N TYR A 91 -8.30 -9.66 9.58
CA TYR A 91 -8.27 -10.65 8.53
C TYR A 91 -7.58 -11.87 9.15
N LEU A 92 -8.32 -12.92 9.47
CA LEU A 92 -7.80 -14.05 10.27
C LEU A 92 -6.84 -15.02 9.52
N SER A 93 -5.89 -15.63 10.22
CA SER A 93 -5.12 -16.74 9.65
C SER A 93 -6.00 -17.96 9.75
N ILE A 94 -5.63 -19.02 9.04
CA ILE A 94 -6.27 -20.33 9.18
C ILE A 94 -5.16 -21.34 9.44
N PRO A 95 -4.90 -21.64 10.70
CA PRO A 95 -3.80 -22.54 11.05
C PRO A 95 -3.93 -23.85 10.27
N GLY A 96 -2.84 -24.22 9.61
CA GLY A 96 -2.80 -25.39 8.75
C GLY A 96 -3.12 -25.08 7.30
N LYS A 97 -3.59 -23.86 7.03
CA LYS A 97 -4.04 -23.56 5.69
C LYS A 97 -3.59 -22.21 5.17
N LYS A 98 -3.60 -21.21 6.02
CA LYS A 98 -3.31 -19.85 5.61
C LYS A 98 -2.50 -19.22 6.74
N ALA A 99 -1.27 -18.84 6.47
CA ALA A 99 -0.40 -18.29 7.52
C ALA A 99 -0.66 -16.82 7.83
N VAL A 100 -0.76 -15.99 6.79
CA VAL A 100 -0.80 -14.55 6.96
C VAL A 100 -2.09 -14.11 7.66
N GLU A 101 -1.98 -13.05 8.42
CA GLU A 101 -3.13 -12.38 9.01
C GLU A 101 -2.81 -10.89 9.07
N SER A 102 -3.83 -10.05 9.26
CA SER A 102 -3.66 -8.60 9.19
C SER A 102 -4.82 -7.79 9.80
N PHE A 103 -4.58 -6.49 9.96
CA PHE A 103 -5.55 -5.52 10.42
C PHE A 103 -5.52 -4.29 9.52
N CYS A 104 -6.68 -3.95 8.94
CA CYS A 104 -6.75 -2.84 8.05
C CYS A 104 -7.59 -1.73 8.66
N TYR A 105 -7.13 -0.49 8.51
CA TYR A 105 -7.93 0.66 8.91
C TYR A 105 -7.83 1.77 7.83
N LEU A 106 -8.90 2.56 7.78
CA LEU A 106 -9.07 3.58 6.79
C LEU A 106 -8.89 4.96 7.44
N ASN A 107 -9.14 5.98 6.66
CA ASN A 107 -9.27 7.32 7.15
C ASN A 107 -9.97 7.46 8.49
N PRO A 108 -9.23 7.94 9.49
CA PRO A 108 -9.81 8.25 10.81
C PRO A 108 -10.99 9.24 10.76
N ASN A 109 -11.12 10.01 9.68
CA ASN A 109 -12.19 10.96 9.56
C ASN A 109 -13.49 10.36 9.06
N PHE A 110 -13.48 9.11 8.67
CA PHE A 110 -14.71 8.41 8.32
C PHE A 110 -15.41 8.03 9.63
N THR A 111 -16.14 8.98 10.19
CA THR A 111 -16.84 8.79 11.43
C THR A 111 -18.33 8.63 11.10
N PRO A 112 -19.12 8.27 12.10
CA PRO A 112 -20.56 8.06 11.87
C PRO A 112 -21.29 9.26 11.22
N ASP A 113 -20.84 10.48 11.49
CA ASP A 113 -21.47 11.70 10.93
C ASP A 113 -20.88 12.13 9.56
N HIS A 114 -19.84 11.45 9.09
CA HIS A 114 -19.25 11.76 7.77
C HIS A 114 -20.27 11.58 6.66
N PRO A 115 -20.34 12.53 5.74
CA PRO A 115 -21.35 12.44 4.70
C PRO A 115 -21.25 11.17 3.86
N ARG A 116 -20.08 10.61 3.64
CA ARG A 116 -20.01 9.42 2.81
C ARG A 116 -20.47 8.18 3.58
N ILE A 117 -20.34 8.23 4.90
CA ILE A 117 -20.77 7.15 5.77
C ILE A 117 -22.30 7.21 5.86
N GLN A 118 -22.83 8.43 6.03
CA GLN A 118 -24.27 8.65 6.05
C GLN A 118 -24.90 8.09 4.76
N ALA A 119 -24.30 8.43 3.62
CA ALA A 119 -24.80 7.93 2.34
C ALA A 119 -24.48 6.48 2.11
N LYS A 120 -23.74 5.84 3.01
CA LYS A 120 -23.37 4.46 2.83
C LYS A 120 -22.66 4.24 1.46
N THR A 121 -21.80 5.17 1.06
CA THR A 121 -21.05 5.00 -0.20
C THR A 121 -20.07 3.85 -0.10
N PRO A 122 -20.02 2.95 -1.10
CA PRO A 122 -19.08 1.82 -1.08
C PRO A 122 -17.66 2.28 -0.82
N THR A 123 -16.90 1.42 -0.14
CA THR A 123 -15.50 1.61 0.18
C THR A 123 -15.26 2.58 1.32
N HIS A 124 -16.29 3.28 1.81
CA HIS A 124 -16.16 4.14 2.99
C HIS A 124 -16.69 3.33 4.18
N GLU A 125 -15.91 3.20 5.25
CA GLU A 125 -16.39 2.51 6.48
C GLU A 125 -15.83 3.20 7.70
N VAL A 126 -16.46 3.03 8.85
CA VAL A 126 -15.95 3.60 10.09
C VAL A 126 -14.98 2.56 10.65
N ASN A 127 -13.80 2.93 11.09
CA ASN A 127 -12.85 1.92 11.57
C ASN A 127 -13.39 1.24 12.82
N VAL A 128 -12.98 -0.02 12.98
CA VAL A 128 -13.17 -0.76 14.21
C VAL A 128 -11.82 -0.92 14.93
N TRP A 129 -11.86 -0.86 16.24
CA TRP A 129 -10.67 -0.97 17.04
C TRP A 129 -10.83 -1.96 18.20
N PRO A 130 -9.72 -2.58 18.65
CA PRO A 130 -9.73 -3.38 19.88
C PRO A 130 -10.05 -2.54 21.09
N ASP A 131 -10.24 -3.17 22.22
CA ASP A 131 -10.60 -2.47 23.42
C ASP A 131 -9.34 -1.73 23.95
N GLU A 132 -9.56 -0.51 24.38
CA GLU A 132 -8.48 0.36 24.74
C GLU A 132 -7.70 -0.22 25.93
N THR A 133 -8.39 -0.81 26.88
CA THR A 133 -7.73 -1.34 28.05
C THR A 133 -6.94 -2.55 27.65
N LYS A 134 -7.30 -3.33 26.61
CA LYS A 134 -6.40 -4.44 26.24
C LYS A 134 -5.24 -4.00 25.39
N HIS A 135 -5.40 -2.85 24.73
CA HIS A 135 -4.43 -2.37 23.76
C HIS A 135 -4.21 -0.87 23.97
N PRO A 136 -3.69 -0.49 25.14
CA PRO A 136 -3.53 0.93 25.48
C PRO A 136 -2.63 1.65 24.50
N GLY A 137 -3.10 2.79 24.03
CA GLY A 137 -2.35 3.65 23.15
C GLY A 137 -2.43 3.24 21.69
N PHE A 138 -3.01 2.08 21.41
CA PHE A 138 -2.89 1.50 20.07
C PHE A 138 -3.69 2.26 19.04
N GLN A 139 -4.95 2.55 19.34
CA GLN A 139 -5.76 3.30 18.39
C GLN A 139 -5.14 4.68 18.09
N ASP A 140 -4.70 5.37 19.12
CA ASP A 140 -4.13 6.69 18.99
C ASP A 140 -2.82 6.66 18.27
N PHE A 141 -1.99 5.64 18.54
CA PHE A 141 -0.78 5.41 17.78
C PHE A 141 -1.11 5.19 16.31
N ALA A 142 -2.04 4.29 16.04
CA ALA A 142 -2.36 3.95 14.68
C ALA A 142 -2.97 5.12 13.91
N GLU A 143 -3.81 5.91 14.56
CA GLU A 143 -4.42 7.06 13.90
C GLU A 143 -3.34 8.17 13.62
N GLN A 144 -2.43 8.38 14.57
CA GLN A 144 -1.29 9.28 14.32
C GLN A 144 -0.44 8.80 13.16
N TYR A 145 -0.20 7.49 13.09
CA TYR A 145 0.64 6.93 12.02
C TYR A 145 0.00 7.16 10.67
N TYR A 146 -1.32 7.01 10.61
CA TYR A 146 -2.03 7.28 9.35
C TYR A 146 -1.68 8.71 8.87
N TRP A 147 -1.73 9.69 9.78
CA TRP A 147 -1.46 11.08 9.40
C TRP A 147 0.04 11.35 9.08
N ASP A 148 0.95 10.67 9.77
CA ASP A 148 2.38 10.74 9.46
C ASP A 148 2.63 10.21 8.04
N VAL A 149 2.19 9.01 7.75
CA VAL A 149 2.38 8.46 6.41
C VAL A 149 1.55 9.21 5.31
N PHE A 150 0.42 9.81 5.68
CA PHE A 150 -0.34 10.64 4.77
C PHE A 150 0.57 11.78 4.39
N GLY A 151 1.22 12.40 5.38
CA GLY A 151 2.16 13.50 5.16
C GLY A 151 3.31 13.13 4.20
N LEU A 152 3.94 11.98 4.44
CA LEU A 152 4.97 11.49 3.58
C LEU A 152 4.42 11.28 2.17
N SER A 153 3.20 10.76 2.02
CA SER A 153 2.62 10.47 0.72
C SER A 153 2.29 11.74 -0.10
N SER A 154 1.87 12.82 0.55
CA SER A 154 1.64 14.07 -0.12
C SER A 154 2.97 14.56 -0.65
N ALA A 155 4.00 14.52 0.17
CA ALA A 155 5.32 14.98 -0.34
C ALA A 155 5.69 14.14 -1.60
N LEU A 156 5.61 12.82 -1.49
CA LEU A 156 5.89 11.97 -2.63
C LEU A 156 4.99 12.29 -3.82
N LEU A 157 3.71 12.60 -3.59
CA LEU A 157 2.83 12.91 -4.71
C LEU A 157 3.29 14.19 -5.47
N LYS A 158 3.84 15.16 -4.75
CA LYS A 158 4.45 16.33 -5.36
C LYS A 158 5.66 15.98 -6.24
N GLY A 159 6.49 15.05 -5.74
CA GLY A 159 7.59 14.52 -6.55
C GLY A 159 7.17 13.85 -7.85
N TYR A 160 6.19 12.96 -7.79
CA TYR A 160 5.64 12.33 -9.00
C TYR A 160 4.98 13.35 -9.93
N ALA A 161 4.26 14.35 -9.38
CA ALA A 161 3.64 15.37 -10.23
C ALA A 161 4.70 16.16 -11.05
N LEU A 162 5.72 16.64 -10.35
CA LEU A 162 6.85 17.35 -10.96
C LEU A 162 7.52 16.44 -11.96
N ALA A 163 7.64 15.14 -11.68
CA ALA A 163 8.36 14.20 -12.58
C ALA A 163 7.64 14.02 -13.92
N LEU A 164 6.32 14.24 -13.89
CA LEU A 164 5.50 14.04 -15.07
C LEU A 164 5.25 15.33 -15.82
N GLY A 165 5.91 16.42 -15.45
CA GLY A 165 5.79 17.67 -16.18
C GLY A 165 4.64 18.53 -15.70
N LYS A 166 4.09 18.22 -14.52
CA LYS A 166 2.94 18.94 -13.95
C LYS A 166 3.35 19.82 -12.79
N GLU A 167 2.42 20.69 -12.38
CA GLU A 167 2.61 21.44 -11.13
C GLU A 167 2.50 20.45 -10.00
N GLU A 168 3.11 20.81 -8.88
CA GLU A 168 3.38 19.89 -7.78
C GLU A 168 2.15 19.39 -7.09
N ASN A 169 1.07 20.19 -7.10
CA ASN A 169 -0.22 19.74 -6.57
C ASN A 169 -1.14 18.91 -7.47
N PHE A 170 -0.65 18.43 -8.60
CA PHE A 170 -1.52 17.75 -9.58
C PHE A 170 -2.28 16.56 -8.97
N PHE A 171 -1.55 15.73 -8.22
CA PHE A 171 -2.13 14.57 -7.57
C PHE A 171 -2.63 15.00 -6.23
N ALA A 172 -1.80 15.73 -5.50
CA ALA A 172 -2.09 16.09 -4.10
C ALA A 172 -3.40 16.86 -3.85
N ARG A 173 -3.86 17.60 -4.84
CA ARG A 173 -5.11 18.31 -4.67
C ARG A 173 -6.29 17.32 -4.56
N HIS A 174 -6.14 16.08 -5.03
CA HIS A 174 -7.15 15.00 -4.94
C HIS A 174 -6.97 14.08 -3.72
N PHE A 175 -5.95 14.35 -2.92
CA PHE A 175 -5.53 13.53 -1.81
C PHE A 175 -5.66 14.40 -0.55
N LYS A 176 -6.83 14.34 0.07
CA LYS A 176 -7.22 15.25 1.15
C LYS A 176 -7.61 14.48 2.39
N PRO A 177 -7.29 15.02 3.57
CA PRO A 177 -7.68 14.40 4.83
C PRO A 177 -9.15 14.10 4.99
N ASP A 178 -10.05 14.93 4.51
CA ASP A 178 -11.44 14.74 4.80
C ASP A 178 -12.01 13.60 4.02
N ASP A 179 -11.35 13.18 2.93
CA ASP A 179 -11.98 12.14 2.11
C ASP A 179 -11.15 11.04 1.46
N THR A 180 -9.83 11.04 1.64
CA THR A 180 -8.98 10.01 1.00
C THR A 180 -9.42 8.61 1.37
N LEU A 181 -9.47 7.75 0.36
CA LEU A 181 -9.77 6.34 0.52
C LEU A 181 -8.52 5.52 0.90
N ALA A 182 -7.44 6.21 1.25
CA ALA A 182 -6.19 5.54 1.62
C ALA A 182 -6.42 4.61 2.80
N SER A 183 -5.64 3.55 2.86
CA SER A 183 -5.66 2.62 4.00
C SER A 183 -4.27 2.21 4.43
N VAL A 184 -4.20 1.78 5.67
CA VAL A 184 -3.10 1.09 6.30
C VAL A 184 -3.50 -0.36 6.53
N VAL A 185 -2.58 -1.30 6.20
CA VAL A 185 -2.69 -2.71 6.52
C VAL A 185 -1.45 -3.10 7.32
N LEU A 186 -1.70 -3.60 8.52
CA LEU A 186 -0.69 -4.14 9.40
C LEU A 186 -0.69 -5.67 9.22
N ILE A 187 0.18 -6.14 8.35
CA ILE A 187 0.19 -7.57 7.98
C ILE A 187 1.27 -8.29 8.77
N ARG A 188 0.88 -9.39 9.44
CA ARG A 188 1.81 -10.23 10.15
C ARG A 188 2.06 -11.45 9.30
N TYR A 189 3.31 -11.70 8.94
CA TYR A 189 3.66 -13.00 8.30
C TYR A 189 4.37 -13.77 9.38
N PRO A 190 3.86 -14.95 9.78
CA PRO A 190 4.40 -15.70 10.91
C PRO A 190 5.59 -16.66 10.64
N TYR A 191 6.42 -16.88 11.64
CA TYR A 191 7.30 -18.04 11.63
C TYR A 191 6.46 -19.22 12.08
N LEU A 192 6.50 -20.31 11.33
CA LEU A 192 5.74 -21.52 11.68
C LEU A 192 6.57 -22.78 11.58
N ASP A 193 6.52 -23.62 12.59
CA ASP A 193 7.25 -24.88 12.53
C ASP A 193 6.34 -26.02 13.06
N PRO A 194 5.83 -26.92 12.20
CA PRO A 194 6.07 -26.97 10.74
C PRO A 194 5.25 -25.92 10.00
N TYR A 195 5.79 -25.52 8.84
CA TYR A 195 5.10 -24.53 8.03
C TYR A 195 4.21 -25.28 7.12
N PRO A 196 2.92 -24.97 7.14
CA PRO A 196 1.96 -25.73 6.31
C PRO A 196 2.11 -25.54 4.79
N GLU A 197 2.37 -26.62 4.07
CA GLU A 197 2.41 -26.58 2.60
C GLU A 197 1.20 -25.93 1.93
N ALA A 198 0.00 -26.14 2.45
CA ALA A 198 -1.18 -25.51 1.81
C ALA A 198 -1.13 -24.02 1.91
N ALA A 199 -0.35 -23.50 2.85
CA ALA A 199 -0.13 -22.05 2.91
C ALA A 199 1.01 -21.54 2.01
N ILE A 200 1.61 -22.38 1.20
CA ILE A 200 2.71 -21.95 0.31
C ILE A 200 2.22 -22.14 -1.12
N LYS A 201 2.27 -21.12 -1.96
CA LYS A 201 1.91 -21.28 -3.36
C LYS A 201 3.17 -21.45 -4.15
N THR A 202 3.07 -22.02 -5.36
CA THR A 202 4.26 -22.24 -6.16
C THR A 202 4.12 -21.50 -7.51
N ALA A 203 5.07 -20.63 -7.82
CA ALA A 203 5.07 -19.88 -9.08
C ALA A 203 5.36 -20.81 -10.25
N ALA A 204 5.04 -20.36 -11.45
CA ALA A 204 5.28 -21.21 -12.61
C ALA A 204 6.77 -21.60 -12.71
N ASP A 205 7.64 -20.76 -12.19
CA ASP A 205 9.08 -20.99 -12.26
C ASP A 205 9.63 -21.75 -11.05
N GLY A 206 8.73 -22.22 -10.19
CA GLY A 206 9.14 -23.06 -9.09
C GLY A 206 9.41 -22.28 -7.81
N THR A 207 9.37 -20.95 -7.89
CA THR A 207 9.55 -20.16 -6.69
C THR A 207 8.37 -20.34 -5.74
N LYS A 208 8.67 -20.61 -4.48
CA LYS A 208 7.65 -20.67 -3.44
C LYS A 208 7.24 -19.28 -3.02
N LEU A 209 5.92 -19.05 -3.02
CA LEU A 209 5.34 -17.75 -2.72
C LEU A 209 4.38 -17.76 -1.53
N SER A 210 4.27 -16.59 -0.89
CA SER A 210 3.21 -16.31 0.05
C SER A 210 2.06 -15.50 -0.63
N PHE A 211 2.32 -14.79 -1.73
CA PHE A 211 1.30 -14.03 -2.43
C PHE A 211 1.76 -13.83 -3.89
N GLU A 212 0.87 -14.08 -4.84
CA GLU A 212 1.25 -14.24 -6.25
C GLU A 212 1.46 -12.92 -6.95
N TRP A 213 1.89 -13.02 -8.20
CA TRP A 213 2.08 -11.84 -9.05
C TRP A 213 0.79 -11.01 -9.11
N HIS A 214 0.98 -9.69 -9.11
CA HIS A 214 -0.11 -8.73 -9.26
C HIS A 214 0.44 -7.33 -9.54
N GLU A 215 -0.46 -6.43 -9.90
CA GLU A 215 -0.16 -5.00 -9.88
C GLU A 215 -0.91 -4.46 -8.68
N ASP A 216 -0.43 -3.37 -8.07
CA ASP A 216 -1.14 -2.80 -6.91
C ASP A 216 -2.40 -2.02 -7.30
N VAL A 217 -3.38 -2.11 -6.42
CA VAL A 217 -4.60 -1.30 -6.47
C VAL A 217 -4.34 -0.04 -5.62
N SER A 218 -3.84 1.00 -6.28
CA SER A 218 -3.50 2.27 -5.66
C SER A 218 -3.04 3.27 -6.70
N LEU A 219 -2.85 4.52 -6.29
CA LEU A 219 -2.15 5.49 -7.15
C LEU A 219 -0.68 5.17 -7.00
N ILE A 220 -0.16 5.25 -5.75
CA ILE A 220 1.15 4.68 -5.39
C ILE A 220 1.03 3.92 -4.06
N THR A 221 2.03 3.12 -3.72
CA THR A 221 2.05 2.35 -2.47
C THR A 221 3.30 2.77 -1.71
N VAL A 222 3.12 3.04 -0.43
CA VAL A 222 4.12 3.52 0.48
C VAL A 222 4.33 2.49 1.62
N LEU A 223 5.34 1.66 1.47
CA LEU A 223 5.49 0.41 2.23
C LEU A 223 6.67 0.36 3.18
N TYR A 224 6.40 0.10 4.46
CA TYR A 224 7.45 -0.35 5.40
C TYR A 224 7.42 -1.90 5.52
N GLN A 225 8.61 -2.50 5.52
CA GLN A 225 8.78 -3.93 5.80
C GLN A 225 9.94 -4.16 6.77
N SER A 226 9.87 -5.28 7.45
CA SER A 226 10.96 -5.82 8.23
C SER A 226 12.15 -6.17 7.36
N ASN A 227 13.28 -6.32 7.99
CA ASN A 227 14.51 -6.65 7.29
C ASN A 227 14.62 -8.14 6.94
N VAL A 228 13.69 -8.67 6.16
CA VAL A 228 13.70 -10.02 5.70
C VAL A 228 13.39 -9.91 4.21
N GLN A 229 14.33 -10.20 3.34
CA GLN A 229 14.11 -10.14 1.88
C GLN A 229 12.96 -11.06 1.46
N ASN A 230 12.01 -10.54 0.67
CA ASN A 230 10.90 -11.36 0.19
C ASN A 230 10.34 -10.95 -1.16
N LEU A 231 10.38 -9.65 -1.48
CA LEU A 231 9.75 -9.13 -2.69
C LEU A 231 10.54 -9.37 -3.96
N GLN A 232 9.86 -9.66 -5.06
CA GLN A 232 10.47 -9.76 -6.39
C GLN A 232 9.65 -8.93 -7.37
N VAL A 233 10.31 -8.26 -8.31
CA VAL A 233 9.62 -7.44 -9.29
C VAL A 233 9.94 -8.06 -10.62
N GLU A 234 8.95 -8.14 -11.51
CA GLU A 234 9.23 -8.68 -12.82
C GLU A 234 9.81 -7.55 -13.65
N THR A 235 10.87 -7.87 -14.40
CA THR A 235 11.47 -6.93 -15.34
C THR A 235 11.69 -7.67 -16.65
N ALA A 236 12.34 -7.02 -17.62
CA ALA A 236 12.52 -7.65 -18.95
C ALA A 236 13.56 -8.71 -18.85
N ALA A 237 14.39 -8.57 -17.82
CA ALA A 237 15.33 -9.62 -17.41
C ALA A 237 14.73 -10.68 -16.50
N GLY A 238 13.42 -10.66 -16.23
CA GLY A 238 12.77 -11.68 -15.39
C GLY A 238 12.54 -11.17 -13.98
N TYR A 239 12.22 -12.05 -13.02
CA TYR A 239 11.92 -11.64 -11.67
C TYR A 239 13.21 -11.33 -10.97
N GLN A 240 13.32 -10.19 -10.30
CA GLN A 240 14.57 -9.85 -9.62
C GLN A 240 14.27 -9.60 -8.16
N ASP A 241 15.18 -9.88 -7.26
CA ASP A 241 14.93 -9.68 -5.82
C ASP A 241 15.04 -8.22 -5.41
N ILE A 242 14.04 -7.74 -4.66
CA ILE A 242 14.13 -6.42 -4.07
C ILE A 242 14.79 -6.55 -2.71
N GLU A 243 15.92 -5.90 -2.53
CA GLU A 243 16.56 -5.96 -1.22
C GLU A 243 15.72 -5.27 -0.17
N ALA A 244 15.73 -5.84 1.00
CA ALA A 244 15.03 -5.24 2.14
C ALA A 244 15.82 -4.02 2.64
N ASP A 245 15.10 -3.04 3.18
CA ASP A 245 15.69 -1.93 3.88
C ASP A 245 14.66 -1.46 4.94
N ASP A 246 14.81 -1.86 6.18
CA ASP A 246 13.83 -1.51 7.19
C ASP A 246 14.08 -0.15 7.82
N THR A 247 14.83 0.72 7.15
CA THR A 247 14.95 2.11 7.57
C THR A 247 14.24 3.06 6.60
N GLY A 248 13.88 2.56 5.42
CA GLY A 248 13.23 3.32 4.35
C GLY A 248 11.83 2.83 4.02
N TYR A 249 11.13 3.59 3.16
CA TYR A 249 9.85 3.19 2.60
C TYR A 249 10.02 2.74 1.18
N LEU A 250 9.56 1.54 0.89
CA LEU A 250 9.55 1.06 -0.51
C LEU A 250 8.32 1.65 -1.20
N ILE A 251 8.58 2.35 -2.31
CA ILE A 251 7.59 3.05 -3.13
C ILE A 251 7.46 2.46 -4.50
N ASN A 252 6.22 2.30 -4.92
CA ASN A 252 5.90 1.98 -6.31
C ASN A 252 4.54 2.53 -6.71
N CYS A 253 4.27 2.52 -8.01
CA CYS A 253 3.00 2.93 -8.55
C CYS A 253 2.03 1.76 -8.63
N GLY A 254 0.73 2.10 -8.54
CA GLY A 254 -0.36 1.17 -8.74
C GLY A 254 -0.95 1.45 -10.11
N SER A 255 -1.90 0.63 -10.52
CA SER A 255 -2.42 0.61 -11.86
C SER A 255 -3.22 1.86 -12.16
N TYR A 256 -3.61 2.62 -11.12
CA TYR A 256 -4.24 3.91 -11.35
C TYR A 256 -3.25 4.89 -11.97
N MET A 257 -2.01 4.87 -11.47
CA MET A 257 -0.95 5.71 -12.04
C MET A 257 -0.66 5.31 -13.49
N ALA A 258 -0.64 4.00 -13.73
CA ALA A 258 -0.40 3.50 -15.08
C ALA A 258 -1.52 3.99 -15.97
N HIS A 259 -2.74 3.97 -15.47
CA HIS A 259 -3.86 4.46 -16.31
C HIS A 259 -3.71 5.94 -16.72
N LEU A 260 -3.32 6.79 -15.75
CA LEU A 260 -3.22 8.24 -15.91
C LEU A 260 -2.15 8.63 -16.83
N THR A 261 -1.07 7.89 -16.79
CA THR A 261 0.10 8.22 -17.56
C THR A 261 0.16 7.42 -18.85
N ASN A 262 -0.95 6.79 -19.23
CA ASN A 262 -0.96 5.91 -20.38
C ASN A 262 0.27 4.99 -20.40
N ASN A 263 0.55 4.42 -19.26
CA ASN A 263 1.60 3.44 -19.06
C ASN A 263 3.02 3.98 -19.11
N TYR A 264 3.20 5.32 -19.12
CA TYR A 264 4.54 5.88 -19.01
C TYR A 264 5.14 5.48 -17.64
N TYR A 265 4.39 5.61 -16.54
CA TYR A 265 4.81 5.00 -15.27
C TYR A 265 3.96 3.76 -15.08
N LYS A 266 4.54 2.63 -15.44
CA LYS A 266 3.89 1.34 -15.26
C LYS A 266 3.67 0.96 -13.79
N ALA A 267 2.65 0.16 -13.55
CA ALA A 267 2.44 -0.42 -12.26
C ALA A 267 3.25 -1.72 -12.32
N PRO A 268 4.38 -1.80 -11.60
CA PRO A 268 5.26 -2.96 -11.72
C PRO A 268 4.62 -4.20 -11.19
N ILE A 269 4.71 -5.32 -11.94
CA ILE A 269 4.31 -6.61 -11.48
C ILE A 269 5.30 -7.11 -10.42
N HIS A 270 4.77 -7.48 -9.26
CA HIS A 270 5.59 -8.07 -8.20
C HIS A 270 4.83 -9.19 -7.50
N ARG A 271 5.54 -9.94 -6.66
CA ARG A 271 5.02 -11.10 -5.94
C ARG A 271 5.85 -11.23 -4.66
N VAL A 272 5.38 -12.04 -3.71
CA VAL A 272 5.94 -12.11 -2.38
C VAL A 272 6.43 -13.56 -2.16
N LYS A 273 7.74 -13.71 -2.05
CA LYS A 273 8.29 -15.04 -1.84
C LYS A 273 7.89 -15.57 -0.46
N TRP A 274 7.75 -16.88 -0.37
CA TRP A 274 7.51 -17.54 0.89
C TRP A 274 8.82 -17.53 1.69
N VAL A 275 8.76 -16.98 2.90
CA VAL A 275 9.92 -17.03 3.80
C VAL A 275 9.45 -17.50 5.17
N ASN A 276 10.09 -18.49 5.75
CA ASN A 276 9.68 -18.91 7.11
C ASN A 276 10.34 -18.08 8.20
N ALA A 277 9.71 -16.95 8.49
CA ALA A 277 10.26 -15.92 9.38
C ALA A 277 9.13 -15.05 9.85
N GLU A 278 9.22 -14.62 11.09
CA GLU A 278 8.29 -13.72 11.70
C GLU A 278 8.59 -12.31 11.22
N ARG A 279 7.71 -11.75 10.40
CA ARG A 279 7.94 -10.43 9.85
C ARG A 279 6.67 -9.58 9.67
N GLN A 280 6.89 -8.33 9.31
CA GLN A 280 5.85 -7.35 9.09
C GLN A 280 5.89 -6.76 7.66
N SER A 281 4.73 -6.59 7.08
CA SER A 281 4.57 -5.81 5.87
C SER A 281 3.46 -4.82 6.17
N LEU A 282 3.81 -3.52 6.21
CA LEU A 282 2.88 -2.46 6.61
C LEU A 282 2.67 -1.44 5.47
N PRO A 283 1.88 -1.79 4.44
CA PRO A 283 1.56 -0.87 3.35
C PRO A 283 0.54 0.19 3.70
N PHE A 284 0.78 1.35 3.08
CA PHE A 284 -0.16 2.46 3.01
C PHE A 284 -0.50 2.58 1.54
N PHE A 285 -1.74 2.26 1.19
CA PHE A 285 -2.23 2.36 -0.18
C PHE A 285 -2.75 3.78 -0.32
N VAL A 286 -2.07 4.54 -1.19
CA VAL A 286 -2.40 5.93 -1.46
C VAL A 286 -3.49 5.94 -2.50
N ASN A 287 -4.68 6.14 -1.99
CA ASN A 287 -5.92 6.21 -2.76
C ASN A 287 -6.49 7.61 -2.69
N LEU A 288 -7.13 8.02 -3.76
CA LEU A 288 -7.69 9.38 -3.84
C LEU A 288 -9.10 9.43 -3.19
N GLY A 289 -9.89 10.45 -3.52
CA GLY A 289 -11.26 10.56 -3.09
C GLY A 289 -12.18 9.77 -4.00
N TYR A 290 -13.36 9.40 -3.53
CA TYR A 290 -14.30 8.53 -4.26
C TYR A 290 -14.68 9.08 -5.66
N ASP A 291 -14.84 10.40 -5.74
CA ASP A 291 -15.16 11.08 -6.98
C ASP A 291 -13.98 11.69 -7.69
N SER A 292 -12.77 11.49 -7.17
CA SER A 292 -11.60 12.07 -7.84
C SER A 292 -11.47 11.48 -9.28
N VAL A 293 -11.36 12.36 -10.23
CA VAL A 293 -11.11 12.00 -11.63
C VAL A 293 -9.90 12.85 -12.12
N ILE A 294 -8.84 12.23 -12.57
CA ILE A 294 -7.77 12.95 -13.23
C ILE A 294 -7.87 12.59 -14.72
N ASP A 295 -7.88 13.59 -15.61
CA ASP A 295 -7.87 13.22 -17.01
C ASP A 295 -6.53 12.58 -17.39
N PRO A 296 -6.65 11.40 -17.98
CA PRO A 296 -5.45 10.69 -18.43
C PRO A 296 -4.65 11.51 -19.45
N PHE A 297 -3.33 11.45 -19.40
CA PHE A 297 -2.49 12.10 -20.36
C PHE A 297 -1.28 11.22 -20.71
N ASP A 298 -0.43 11.67 -21.60
CA ASP A 298 0.75 10.89 -22.03
C ASP A 298 1.95 11.80 -22.23
N PRO A 299 2.91 11.73 -21.31
CA PRO A 299 4.13 12.54 -21.35
C PRO A 299 5.17 12.12 -22.40
N ARG A 300 4.75 11.20 -23.29
CA ARG A 300 5.56 10.73 -24.40
C ARG A 300 5.01 11.26 -25.69
N GLU A 301 3.83 11.85 -25.64
CA GLU A 301 3.28 12.48 -26.83
C GLU A 301 3.41 14.02 -26.76
N PRO A 302 3.87 14.62 -27.85
CA PRO A 302 4.02 16.08 -27.99
C PRO A 302 2.90 16.97 -27.38
N ASN A 303 1.65 16.58 -27.59
CA ASN A 303 0.44 17.31 -27.10
C ASN A 303 -0.12 16.73 -25.82
N GLY A 304 0.51 15.66 -25.34
CA GLY A 304 0.12 15.09 -24.07
C GLY A 304 -1.21 14.35 -24.08
N LYS A 305 -1.75 13.99 -25.26
CA LYS A 305 -3.10 13.37 -25.25
C LYS A 305 -3.00 11.85 -25.20
N SER A 306 -3.99 11.21 -24.59
CA SER A 306 -4.04 9.76 -24.55
C SER A 306 -5.42 9.26 -25.01
N ASP A 307 -5.45 8.05 -25.58
CA ASP A 307 -6.71 7.40 -25.98
C ASP A 307 -7.39 6.58 -24.86
N ARG A 308 -7.07 6.89 -23.59
CA ARG A 308 -7.71 6.24 -22.44
C ARG A 308 -8.81 7.19 -21.93
N GLU A 309 -9.85 6.65 -21.28
CA GLU A 309 -10.96 7.45 -20.80
C GLU A 309 -10.83 7.73 -19.30
N PRO A 310 -11.43 8.83 -18.82
CA PRO A 310 -11.39 9.13 -17.38
C PRO A 310 -12.05 8.04 -16.53
N LEU A 311 -11.52 7.78 -15.35
CA LEU A 311 -12.04 6.73 -14.51
C LEU A 311 -12.06 7.30 -13.10
N SER A 312 -13.20 7.34 -12.44
CA SER A 312 -13.25 7.94 -11.11
C SER A 312 -12.53 6.98 -10.18
N TYR A 313 -11.86 7.52 -9.17
CA TYR A 313 -11.09 6.71 -8.23
C TYR A 313 -11.94 5.69 -7.50
N GLY A 314 -13.12 6.10 -7.06
CA GLY A 314 -13.98 5.22 -6.30
C GLY A 314 -14.36 3.99 -7.12
N ASP A 315 -14.66 4.19 -8.39
CA ASP A 315 -14.94 3.06 -9.24
C ASP A 315 -13.71 2.14 -9.42
N TYR A 316 -12.55 2.74 -9.60
CA TYR A 316 -11.33 2.01 -9.79
C TYR A 316 -11.04 1.13 -8.57
N LEU A 317 -11.16 1.74 -7.40
CA LEU A 317 -10.85 1.10 -6.14
C LEU A 317 -11.79 -0.10 -5.83
N GLN A 318 -13.08 0.11 -5.96
CA GLN A 318 -14.04 -0.92 -5.63
C GLN A 318 -13.90 -2.17 -6.52
N ASN A 319 -13.89 -1.98 -7.84
CA ASN A 319 -13.62 -3.07 -8.80
C ASN A 319 -12.23 -3.66 -8.60
N GLY A 320 -11.23 -2.80 -8.40
CA GLY A 320 -9.86 -3.25 -8.23
C GLY A 320 -9.72 -4.20 -7.05
N LEU A 321 -10.31 -3.85 -5.90
CA LEU A 321 -10.07 -4.67 -4.70
C LEU A 321 -10.80 -5.99 -4.79
N VAL A 322 -11.95 -5.99 -5.46
CA VAL A 322 -12.66 -7.21 -5.71
C VAL A 322 -11.86 -8.07 -6.67
N SER A 323 -11.34 -7.50 -7.76
CA SER A 323 -10.57 -8.33 -8.72
C SER A 323 -9.33 -8.93 -8.07
N LEU A 324 -8.64 -8.17 -7.23
CA LEU A 324 -7.45 -8.67 -6.58
C LEU A 324 -7.75 -9.91 -5.67
N ILE A 325 -8.90 -9.86 -5.00
CA ILE A 325 -9.35 -10.99 -4.19
C ILE A 325 -9.61 -12.20 -5.07
N ASN A 326 -10.37 -11.99 -6.14
CA ASN A 326 -10.64 -13.11 -7.06
C ASN A 326 -9.39 -13.74 -7.69
N LYS A 327 -8.41 -12.91 -8.08
CA LYS A 327 -7.19 -13.37 -8.76
C LYS A 327 -6.25 -14.05 -7.79
N ASN A 328 -6.07 -13.42 -6.62
CA ASN A 328 -5.02 -13.86 -5.67
C ASN A 328 -5.55 -14.35 -4.28
N GLY A 329 -6.85 -14.48 -4.13
CA GLY A 329 -7.44 -15.03 -2.91
C GLY A 329 -7.75 -13.98 -1.81
N GLN A 330 -8.71 -14.32 -0.96
CA GLN A 330 -9.05 -13.48 0.18
C GLN A 330 -7.86 -13.49 1.14
N THR A 331 -7.33 -12.34 1.53
CA THR A 331 -6.22 -12.30 2.48
C THR A 331 -6.76 -12.35 3.92
C1 HCG B . -7.84 -1.82 1.95
C2 HCG B . -7.07 -3.15 1.83
C3 HCG B . -6.45 -3.48 0.48
C4 HCG B . -5.51 -4.69 0.60
C7 HCG B . -4.94 -5.01 -0.78
C10 HCG B . -4.05 -6.22 -0.84
N11 HCG B . -2.79 -6.09 -1.16
C12 HCG B . -2.06 -7.36 -1.35
C13 HCG B . -1.07 -7.72 -0.23
N14 HCG B . -7.94 -4.22 2.37
O15 HCG B . -4.51 -7.32 -0.58
C16 HCG B . -1.10 -6.94 -2.54
S17 HCG B . -0.37 -5.19 -2.48
O18 HCG B . -0.53 -6.63 0.10
O19 HCG B . -9.23 -2.03 1.87
O20 HCG B . -7.51 -0.82 1.06
N29 HCG B . -0.62 -9.15 -0.25
C30 HCG B . 0.57 -9.38 0.43
C31 HCG B . 1.74 -8.79 0.63
O42 HCG B . 1.74 -7.85 -0.03
O43 HCG B . 2.72 -9.15 1.35
FE FE2 C . 1.65 -5.29 -3.96
S SO4 D . 1.42 8.57 19.37
O1 SO4 D . 0.15 7.85 19.35
O2 SO4 D . 1.14 9.98 19.08
O3 SO4 D . 2.00 8.42 20.70
O4 SO4 D . 2.32 8.15 18.28
#